data_6T70
#
_entry.id   6T70
#
_cell.length_a   66.544
_cell.length_b   79.430
_cell.length_c   88.444
_cell.angle_alpha   90.000
_cell.angle_beta   90.000
_cell.angle_gamma   90.000
#
_symmetry.space_group_name_H-M   'I 2 2 2'
#
loop_
_entity.id
_entity.type
_entity.pdbx_description
1 polymer BotH
2 non-polymer 'CHLORIDE ION'
3 non-polymer GLYCEROL
4 non-polymer 'SULFATE ION'
5 non-polymer 'ZINC ION'
6 non-polymer 'Bottromycin A2 derivative'
7 water water
#
_entity_poly.entity_id   1
_entity_poly.type   'polypeptide(L)'
_entity_poly.pdbx_seq_one_letter_code
;HHHHHHSSGLVPRGSHMVRDGNGTSRRDVFEVFSRDGTPIRGFSRPGPGETVVLVHGVAMDRRIWAESGFLDALPDAHVL
ALDLRGRGESGRVGTAEGHALRRYVEDVRAVLDRFGRARYSLFGTFFGGRIALQVAAVDTRVARAFSFCAHAEQVEIPED
AVEEEAVAVEGPGGHAYLRDHFTGRGAPPWMVEACARVDPGELGAATRGLLHGSDRRTERGHPDQELVLITADGDADLAP
FHAGERRLGAHLWLVDAPTRIKAAGRLAEVGRRVAGVLAEGGHGTGDAPAEARTTGDAPAEARASGTGVV
;
_entity_poly.pdbx_strand_id   A
#
# COMPACT_ATOMS: atom_id res chain seq x y z
N ARG A 27 8.19 -11.19 -17.14
CA ARG A 27 7.22 -11.30 -16.04
C ARG A 27 6.29 -12.50 -16.20
N ASP A 28 5.96 -13.14 -15.09
CA ASP A 28 4.99 -14.22 -15.03
C ASP A 28 3.79 -13.77 -14.21
N VAL A 29 2.63 -14.31 -14.51
CA VAL A 29 1.45 -13.99 -13.72
C VAL A 29 1.16 -15.13 -12.75
N PHE A 30 0.48 -14.80 -11.66
CA PHE A 30 0.17 -15.78 -10.64
C PHE A 30 -1.22 -15.49 -10.10
N GLU A 31 -1.79 -16.53 -9.50
CA GLU A 31 -3.05 -16.44 -8.76
C GLU A 31 -2.86 -17.17 -7.47
N VAL A 32 -3.36 -16.55 -6.36
CA VAL A 32 -3.45 -17.21 -5.08
C VAL A 32 -4.84 -16.95 -4.53
N PHE A 33 -5.17 -17.61 -3.42
CA PHE A 33 -6.47 -17.41 -2.78
C PHE A 33 -6.29 -16.92 -1.35
N SER A 34 -7.03 -15.87 -1.03
CA SER A 34 -7.02 -15.33 0.31
C SER A 34 -7.81 -16.26 1.22
N ARG A 35 -7.70 -16.03 2.54
CA ARG A 35 -8.40 -16.86 3.51
C ARG A 35 -9.88 -16.95 3.24
N ASP A 36 -10.52 -15.85 2.80
CA ASP A 36 -11.96 -15.86 2.60
C ASP A 36 -12.36 -16.31 1.18
N GLY A 37 -11.43 -16.88 0.45
CA GLY A 37 -11.74 -17.40 -0.87
C GLY A 37 -11.54 -16.44 -2.01
N THR A 38 -11.24 -15.20 -1.73
CA THR A 38 -11.08 -14.21 -2.79
C THR A 38 -9.83 -14.54 -3.60
N PRO A 39 -9.92 -14.66 -4.92
CA PRO A 39 -8.69 -14.83 -5.72
C PRO A 39 -7.91 -13.55 -5.84
N ILE A 40 -6.60 -13.64 -5.64
CA ILE A 40 -5.69 -12.52 -5.66
C ILE A 40 -4.71 -12.76 -6.82
N ARG A 41 -4.66 -11.82 -7.75
CA ARG A 41 -3.89 -12.00 -8.97
C ARG A 41 -2.73 -10.99 -8.96
N GLY A 42 -1.64 -11.35 -9.59
CA GLY A 42 -0.49 -10.48 -9.58
C GLY A 42 0.52 -10.91 -10.63
N PHE A 43 1.67 -10.22 -10.63
CA PHE A 43 2.77 -10.65 -11.47
C PHE A 43 4.05 -10.84 -10.64
N SER A 44 4.91 -11.69 -11.16
CA SER A 44 6.23 -11.95 -10.59
C SER A 44 7.28 -11.55 -11.61
N ARG A 45 8.19 -10.63 -11.21
CA ARG A 45 9.30 -10.23 -12.06
C ARG A 45 10.55 -10.88 -11.49
N PRO A 46 11.06 -11.95 -12.09
CA PRO A 46 12.16 -12.69 -11.47
C PRO A 46 13.40 -11.84 -11.34
N GLY A 47 14.21 -12.18 -10.33
CA GLY A 47 15.51 -11.57 -10.13
C GLY A 47 16.31 -12.39 -9.14
N PRO A 48 17.63 -12.21 -9.15
CA PRO A 48 18.49 -12.99 -8.25
C PRO A 48 18.56 -12.43 -6.84
N GLY A 49 17.95 -11.29 -6.58
CA GLY A 49 18.16 -10.56 -5.35
C GLY A 49 17.11 -10.85 -4.32
N GLU A 50 16.85 -9.85 -3.47
CA GLU A 50 15.83 -9.98 -2.44
C GLU A 50 14.45 -10.08 -3.06
N THR A 51 13.52 -10.76 -2.36
CA THR A 51 12.14 -10.83 -2.79
C THR A 51 11.37 -9.68 -2.16
N VAL A 52 10.80 -8.83 -3.01
CA VAL A 52 10.09 -7.62 -2.62
C VAL A 52 8.64 -7.74 -3.04
N VAL A 53 7.71 -7.45 -2.11
CA VAL A 53 6.29 -7.55 -2.33
C VAL A 53 5.69 -6.15 -2.25
N LEU A 54 5.04 -5.71 -3.33
CA LEU A 54 4.55 -4.35 -3.48
C LEU A 54 3.04 -4.31 -3.29
N VAL A 55 2.57 -3.37 -2.48
CA VAL A 55 1.17 -3.24 -2.05
C VAL A 55 0.67 -1.83 -2.37
N HIS A 56 -0.23 -1.73 -3.36
CA HIS A 56 -0.73 -0.44 -3.83
C HIS A 56 -1.79 0.11 -2.86
N GLY A 57 -2.23 1.36 -3.12
CA GLY A 57 -3.22 2.02 -2.34
C GLY A 57 -4.64 1.77 -2.81
N VAL A 58 -5.57 2.52 -2.21
CA VAL A 58 -7.00 2.18 -2.34
C VAL A 58 -7.47 2.35 -3.76
N ALA A 59 -7.16 3.48 -4.37
CA ALA A 59 -7.65 3.85 -5.70
C ALA A 59 -6.57 3.57 -6.76
N MET A 60 -5.85 2.49 -6.60
CA MET A 60 -4.78 2.11 -7.48
C MET A 60 -4.90 0.63 -7.85
N ASP A 61 -4.02 0.19 -8.73
CA ASP A 61 -3.80 -1.24 -8.98
C ASP A 61 -2.31 -1.46 -9.18
N ARG A 62 -1.94 -2.69 -9.54
CA ARG A 62 -0.52 -3.06 -9.58
C ARG A 62 0.23 -2.38 -10.70
N ARG A 63 -0.45 -1.72 -11.64
CA ARG A 63 0.28 -1.08 -12.72
C ARG A 63 1.05 0.14 -12.24
N ILE A 64 0.79 0.65 -11.04
CA ILE A 64 1.49 1.89 -10.65
C ILE A 64 2.96 1.64 -10.39
N TRP A 65 3.37 0.40 -10.17
CA TRP A 65 4.76 0.17 -9.83
C TRP A 65 5.66 0.43 -11.03
N ALA A 66 5.25 -0.05 -12.20
CA ALA A 66 5.98 0.29 -13.40
C ALA A 66 5.79 1.74 -13.81
N GLU A 67 4.56 2.26 -13.75
CA GLU A 67 4.30 3.59 -14.21
C GLU A 67 5.00 4.63 -13.38
N SER A 68 5.14 4.37 -12.08
CA SER A 68 5.84 5.31 -11.20
C SER A 68 7.35 5.25 -11.35
N GLY A 69 7.89 4.23 -11.98
CA GLY A 69 9.31 4.06 -12.04
C GLY A 69 9.90 3.34 -10.85
N PHE A 70 9.05 2.97 -9.86
CA PHE A 70 9.58 2.22 -8.72
C PHE A 70 10.16 0.87 -9.16
N LEU A 71 9.47 0.17 -10.04
CA LEU A 71 9.92 -1.17 -10.46
C LEU A 71 11.27 -1.10 -11.15
N ASP A 72 11.46 -0.09 -12.04
CA ASP A 72 12.72 0.08 -12.74
C ASP A 72 13.86 0.38 -11.79
N ALA A 73 13.56 0.91 -10.62
CA ALA A 73 14.59 1.28 -9.66
C ALA A 73 15.18 0.09 -8.93
N LEU A 74 14.55 -1.09 -9.03
CA LEU A 74 15.03 -2.29 -8.34
C LEU A 74 15.58 -3.27 -9.39
N PRO A 75 16.84 -3.14 -9.77
CA PRO A 75 17.33 -3.96 -10.89
C PRO A 75 17.40 -5.44 -10.57
N ASP A 76 17.71 -5.81 -9.34
CA ASP A 76 18.04 -7.21 -9.04
C ASP A 76 16.95 -7.95 -8.30
N ALA A 77 15.99 -7.25 -7.73
CA ALA A 77 15.03 -7.91 -6.86
C ALA A 77 14.12 -8.85 -7.64
N HIS A 78 13.67 -9.89 -6.95
CA HIS A 78 12.50 -10.65 -7.38
C HIS A 78 11.29 -9.90 -6.88
N VAL A 79 10.50 -9.33 -7.78
CA VAL A 79 9.42 -8.45 -7.43
C VAL A 79 8.09 -9.18 -7.58
N LEU A 80 7.29 -9.10 -6.53
CA LEU A 80 5.93 -9.62 -6.56
C LEU A 80 4.99 -8.45 -6.37
N ALA A 81 4.07 -8.25 -7.33
CA ALA A 81 3.16 -7.12 -7.25
C ALA A 81 1.75 -7.68 -7.37
N LEU A 82 0.94 -7.48 -6.37
CA LEU A 82 -0.44 -7.98 -6.39
C LEU A 82 -1.44 -6.88 -6.66
N ASP A 83 -2.56 -7.27 -7.26
CA ASP A 83 -3.79 -6.47 -7.17
C ASP A 83 -4.50 -6.87 -5.88
N LEU A 84 -4.71 -5.92 -4.98
CA LEU A 84 -5.55 -6.19 -3.82
C LEU A 84 -6.96 -6.56 -4.28
N ARG A 85 -7.68 -7.23 -3.40
CA ARG A 85 -9.06 -7.58 -3.66
C ARG A 85 -9.82 -6.38 -4.21
N GLY A 86 -10.66 -6.63 -5.21
CA GLY A 86 -11.55 -5.64 -5.77
C GLY A 86 -10.93 -4.68 -6.73
N ARG A 87 -9.59 -4.73 -6.91
CA ARG A 87 -8.84 -3.86 -7.81
C ARG A 87 -8.20 -4.73 -8.90
N GLY A 88 -7.98 -4.12 -10.07
CA GLY A 88 -7.24 -4.83 -11.11
C GLY A 88 -7.85 -6.14 -11.46
N GLU A 89 -7.04 -7.20 -11.47
CA GLU A 89 -7.47 -8.53 -11.91
C GLU A 89 -7.86 -9.43 -10.76
N SER A 90 -7.97 -8.90 -9.55
CA SER A 90 -8.33 -9.74 -8.41
C SER A 90 -9.84 -9.78 -8.22
N GLY A 91 -10.26 -10.68 -7.34
CA GLY A 91 -11.69 -10.95 -7.19
C GLY A 91 -12.47 -9.75 -6.69
N ARG A 92 -13.73 -9.69 -7.08
CA ARG A 92 -14.59 -8.61 -6.62
C ARG A 92 -15.05 -8.92 -5.20
N VAL A 93 -15.34 -7.85 -4.47
CA VAL A 93 -15.72 -7.90 -3.07
C VAL A 93 -17.07 -7.19 -2.90
N GLY A 94 -17.06 -5.87 -3.03
CA GLY A 94 -18.35 -5.16 -3.06
C GLY A 94 -19.05 -5.03 -1.73
N THR A 95 -18.41 -5.39 -0.64
CA THR A 95 -18.93 -5.17 0.71
C THR A 95 -17.89 -4.43 1.53
N ALA A 96 -18.38 -3.68 2.53
CA ALA A 96 -17.48 -2.95 3.42
C ALA A 96 -16.61 -3.90 4.25
N GLU A 97 -17.23 -4.90 4.89
CA GLU A 97 -16.43 -5.77 5.75
C GLU A 97 -15.46 -6.59 4.95
N GLY A 98 -15.79 -6.89 3.70
CA GLY A 98 -14.88 -7.59 2.84
C GLY A 98 -13.62 -6.81 2.54
N HIS A 99 -13.64 -5.49 2.75
CA HIS A 99 -12.47 -4.63 2.61
C HIS A 99 -11.83 -4.25 3.94
N ALA A 100 -12.18 -4.94 5.02
CA ALA A 100 -11.47 -4.72 6.26
C ALA A 100 -9.98 -4.95 6.09
N LEU A 101 -9.20 -4.24 6.93
CA LEU A 101 -7.75 -4.34 6.88
C LEU A 101 -7.30 -5.80 7.04
N ARG A 102 -7.96 -6.56 7.92
CA ARG A 102 -7.50 -7.93 8.12
C ARG A 102 -7.60 -8.76 6.85
N ARG A 103 -8.55 -8.42 5.96
CA ARG A 103 -8.66 -9.14 4.69
C ARG A 103 -7.53 -8.79 3.75
N TYR A 104 -7.14 -7.52 3.67
CA TYR A 104 -5.99 -7.16 2.87
C TYR A 104 -4.72 -7.86 3.36
N VAL A 105 -4.55 -7.94 4.68
CA VAL A 105 -3.42 -8.63 5.23
C VAL A 105 -3.42 -10.09 4.76
N GLU A 106 -4.59 -10.73 4.78
CA GLU A 106 -4.68 -12.11 4.32
C GLU A 106 -4.33 -12.21 2.85
N ASP A 107 -4.70 -11.20 2.05
CA ASP A 107 -4.35 -11.20 0.64
C ASP A 107 -2.83 -11.23 0.48
N VAL A 108 -2.14 -10.38 1.21
CA VAL A 108 -0.68 -10.30 1.05
C VAL A 108 -0.02 -11.58 1.54
N ARG A 109 -0.49 -12.12 2.66
CA ARG A 109 0.11 -13.33 3.22
C ARG A 109 -0.05 -14.49 2.25
N ALA A 110 -1.14 -14.53 1.47
CA ALA A 110 -1.31 -15.59 0.51
C ALA A 110 -0.23 -15.52 -0.57
N VAL A 111 0.16 -14.30 -0.95
CA VAL A 111 1.26 -14.13 -1.89
C VAL A 111 2.56 -14.63 -1.29
N LEU A 112 2.81 -14.30 -0.03
CA LEU A 112 4.01 -14.82 0.63
C LEU A 112 4.02 -16.34 0.64
N ASP A 113 2.86 -16.98 0.83
CA ASP A 113 2.81 -18.41 0.77
C ASP A 113 3.22 -18.94 -0.60
N ARG A 114 2.67 -18.35 -1.67
CA ARG A 114 2.89 -18.91 -2.99
C ARG A 114 4.36 -18.96 -3.35
N PHE A 115 5.10 -17.94 -2.96
CA PHE A 115 6.50 -17.92 -3.38
C PHE A 115 7.46 -18.51 -2.35
N GLY A 116 6.93 -18.93 -1.19
CA GLY A 116 7.63 -19.90 -0.36
C GLY A 116 8.90 -19.43 0.30
N ARG A 117 9.16 -18.15 0.36
CA ARG A 117 10.42 -17.70 0.94
C ARG A 117 10.28 -17.56 2.47
N ALA A 118 11.43 -17.63 3.13
CA ALA A 118 11.50 -17.36 4.57
C ALA A 118 11.66 -15.88 4.88
N ARG A 119 12.14 -15.07 3.94
CA ARG A 119 12.30 -13.64 4.15
C ARG A 119 11.73 -12.87 2.97
N TYR A 120 10.91 -11.86 3.30
CA TYR A 120 10.37 -10.93 2.32
C TYR A 120 10.54 -9.48 2.79
N SER A 121 10.65 -8.59 1.82
CA SER A 121 10.60 -7.15 2.07
C SER A 121 9.33 -6.59 1.43
N LEU A 122 8.52 -5.89 2.23
CA LEU A 122 7.25 -5.37 1.77
C LEU A 122 7.37 -3.85 1.58
N PHE A 123 6.69 -3.33 0.55
CA PHE A 123 6.68 -1.89 0.28
C PHE A 123 5.27 -1.53 -0.11
N GLY A 124 4.67 -0.58 0.58
CA GLY A 124 3.30 -0.18 0.29
C GLY A 124 3.16 1.32 0.19
N THR A 125 2.27 1.75 -0.72
CA THR A 125 1.98 3.17 -0.94
C THR A 125 0.66 3.55 -0.27
N PHE A 126 0.69 4.61 0.55
CA PHE A 126 -0.52 5.20 1.16
C PHE A 126 -1.18 4.10 1.98
N PHE A 127 -2.47 3.77 1.79
CA PHE A 127 -3.02 2.74 2.66
C PHE A 127 -2.30 1.42 2.45
N GLY A 128 -1.69 1.22 1.28
CA GLY A 128 -0.84 0.06 1.09
C GLY A 128 0.29 -0.02 2.07
N GLY A 129 0.77 1.15 2.53
CA GLY A 129 1.79 1.16 3.55
C GLY A 129 1.28 0.69 4.89
N ARG A 130 0.05 1.09 5.25
CA ARG A 130 -0.59 0.59 6.47
C ARG A 130 -0.76 -0.91 6.39
N ILE A 131 -1.19 -1.43 5.23
CA ILE A 131 -1.30 -2.88 5.06
C ILE A 131 0.05 -3.54 5.26
N ALA A 132 1.12 -2.98 4.67
CA ALA A 132 2.40 -3.63 4.77
C ALA A 132 2.86 -3.66 6.21
N LEU A 133 2.65 -2.57 6.95
CA LEU A 133 3.02 -2.56 8.36
C LEU A 133 2.26 -3.59 9.15
N GLN A 134 0.98 -3.78 8.85
CA GLN A 134 0.19 -4.74 9.61
C GLN A 134 0.59 -6.16 9.27
N VAL A 135 0.92 -6.42 8.01
CA VAL A 135 1.48 -7.75 7.66
C VAL A 135 2.75 -7.98 8.45
N ALA A 136 3.62 -6.97 8.50
CA ALA A 136 4.86 -7.11 9.25
C ALA A 136 4.60 -7.47 10.71
N ALA A 137 3.54 -6.91 11.28
CA ALA A 137 3.21 -7.15 12.68
C ALA A 137 2.85 -8.60 12.97
N VAL A 138 2.25 -9.30 12.00
CA VAL A 138 1.71 -10.64 12.22
C VAL A 138 2.46 -11.74 11.53
N ASP A 139 3.40 -11.43 10.61
CA ASP A 139 4.02 -12.45 9.77
C ASP A 139 5.51 -12.40 9.92
N THR A 140 6.09 -13.42 10.55
CA THR A 140 7.51 -13.38 10.87
C THR A 140 8.39 -13.59 9.64
N ARG A 141 7.80 -13.88 8.48
CA ARG A 141 8.59 -13.91 7.25
C ARG A 141 8.91 -12.53 6.72
N VAL A 142 8.33 -11.48 7.30
CA VAL A 142 8.60 -10.12 6.82
C VAL A 142 9.85 -9.63 7.52
N ALA A 143 10.93 -9.54 6.75
CA ALA A 143 12.21 -9.03 7.28
C ALA A 143 12.29 -7.51 7.24
N ARG A 144 11.60 -6.89 6.30
CA ARG A 144 11.59 -5.43 6.15
C ARG A 144 10.19 -5.02 5.70
N ALA A 145 9.73 -3.87 6.22
CA ALA A 145 8.50 -3.27 5.72
C ALA A 145 8.72 -1.77 5.57
N PHE A 146 8.36 -1.25 4.39
CA PHE A 146 8.46 0.16 4.03
C PHE A 146 7.07 0.70 3.81
N SER A 147 6.71 1.78 4.49
CA SER A 147 5.37 2.39 4.35
C SER A 147 5.58 3.79 3.76
N PHE A 148 5.16 3.96 2.51
CA PHE A 148 5.31 5.21 1.80
C PHE A 148 4.11 6.11 2.05
N CYS A 149 4.31 7.19 2.76
CA CYS A 149 3.31 8.21 3.03
C CYS A 149 2.16 7.70 3.87
N ALA A 150 2.45 6.76 4.75
CA ALA A 150 1.51 6.38 5.80
C ALA A 150 2.33 6.01 7.04
N HIS A 151 1.83 6.38 8.18
CA HIS A 151 2.46 6.06 9.44
C HIS A 151 1.76 4.88 10.10
N ALA A 152 2.21 4.53 11.30
CA ALA A 152 1.79 3.31 11.98
C ALA A 152 0.92 3.55 13.19
N GLU A 153 0.49 4.78 13.43
CA GLU A 153 -0.16 5.10 14.67
C GLU A 153 -1.67 4.97 14.57
N GLN A 154 -2.30 4.87 15.75
CA GLN A 154 -3.73 4.93 15.87
C GLN A 154 -4.25 6.26 15.33
N VAL A 155 -5.37 6.21 14.62
CA VAL A 155 -6.00 7.41 14.09
C VAL A 155 -7.46 7.41 14.52
N GLU A 156 -8.04 8.59 14.59
CA GLU A 156 -9.47 8.78 14.79
C GLU A 156 -10.09 8.97 13.41
N ILE A 157 -10.95 8.05 13.00
CA ILE A 157 -11.57 8.10 11.68
C ILE A 157 -12.99 8.66 11.85
N PRO A 158 -13.33 9.79 11.23
CA PRO A 158 -14.70 10.30 11.35
C PRO A 158 -15.64 9.48 10.48
N GLU A 159 -16.60 8.80 11.12
CA GLU A 159 -17.53 7.95 10.39
C GLU A 159 -18.34 8.75 9.37
N ASP A 160 -18.77 9.95 9.74
CA ASP A 160 -19.57 10.77 8.85
C ASP A 160 -18.81 11.13 7.59
N ALA A 161 -17.58 11.63 7.75
CA ALA A 161 -16.81 12.07 6.59
C ALA A 161 -16.45 10.91 5.68
N VAL A 162 -16.06 9.77 6.26
CA VAL A 162 -15.73 8.62 5.43
C VAL A 162 -16.94 8.13 4.66
N GLU A 163 -18.11 8.08 5.30
CA GLU A 163 -19.29 7.67 4.55
C GLU A 163 -19.59 8.65 3.42
N GLU A 164 -19.42 9.95 3.67
CA GLU A 164 -19.63 10.93 2.62
C GLU A 164 -18.66 10.72 1.47
N GLU A 165 -17.40 10.40 1.78
CA GLU A 165 -16.44 10.13 0.71
C GLU A 165 -16.82 8.86 -0.04
N ALA A 166 -17.34 7.84 0.67
CA ALA A 166 -17.74 6.62 -0.02
C ALA A 166 -18.83 6.91 -1.04
N VAL A 167 -19.79 7.77 -0.66
CA VAL A 167 -20.87 8.12 -1.58
C VAL A 167 -20.32 8.86 -2.79
N ALA A 168 -19.35 9.76 -2.56
CA ALA A 168 -18.83 10.56 -3.66
C ALA A 168 -18.11 9.67 -4.67
N VAL A 169 -17.38 8.68 -4.20
CA VAL A 169 -16.51 7.94 -5.10
C VAL A 169 -17.22 6.77 -5.78
N GLU A 170 -18.34 6.32 -5.26
CA GLU A 170 -19.02 5.15 -5.83
C GLU A 170 -20.09 5.51 -6.84
N GLY A 171 -20.43 6.78 -6.98
CA GLY A 171 -21.53 7.16 -7.86
C GLY A 171 -20.99 7.40 -9.26
N PRO A 172 -21.89 7.73 -10.18
CA PRO A 172 -21.45 8.03 -11.55
C PRO A 172 -20.34 9.08 -11.64
N GLY A 173 -20.36 10.08 -10.79
CA GLY A 173 -19.28 11.06 -10.83
C GLY A 173 -18.04 10.72 -10.07
N GLY A 174 -17.91 9.46 -9.62
CA GLY A 174 -16.87 9.14 -8.63
C GLY A 174 -15.46 9.22 -9.18
N HIS A 175 -15.25 8.71 -10.40
CA HIS A 175 -13.91 8.80 -10.99
C HIS A 175 -13.50 10.25 -11.23
N ALA A 176 -14.43 11.06 -11.72
CA ALA A 176 -14.16 12.48 -11.94
C ALA A 176 -13.84 13.18 -10.62
N TYR A 177 -14.57 12.83 -9.56
CA TYR A 177 -14.31 13.42 -8.25
C TYR A 177 -12.88 13.16 -7.82
N LEU A 178 -12.42 11.92 -7.90
CA LEU A 178 -11.07 11.58 -7.51
C LEU A 178 -10.03 12.18 -8.45
N ARG A 179 -10.28 12.10 -9.75
CA ARG A 179 -9.38 12.73 -10.71
C ARG A 179 -9.21 14.21 -10.41
N ASP A 180 -10.31 14.93 -10.27
CA ASP A 180 -10.20 16.37 -10.09
C ASP A 180 -9.48 16.70 -8.79
N HIS A 181 -9.78 15.94 -7.73
CA HIS A 181 -9.11 16.23 -6.46
C HIS A 181 -7.64 15.88 -6.49
N PHE A 182 -7.28 14.71 -7.06
CA PHE A 182 -5.86 14.37 -7.11
C PHE A 182 -5.11 15.30 -8.06
N THR A 183 -5.72 15.67 -9.19
CA THR A 183 -5.08 16.62 -10.09
C THR A 183 -4.86 17.95 -9.39
N GLY A 184 -5.86 18.43 -8.66
CA GLY A 184 -5.74 19.71 -7.99
C GLY A 184 -4.72 19.72 -6.89
N ARG A 185 -4.40 18.56 -6.35
CA ARG A 185 -3.38 18.43 -5.28
C ARG A 185 -2.02 17.96 -5.82
N GLY A 186 -1.83 17.97 -7.12
CA GLY A 186 -0.51 17.79 -7.68
C GLY A 186 -0.05 16.35 -7.75
N ALA A 187 -0.98 15.40 -7.76
CA ALA A 187 -0.61 14.00 -7.84
C ALA A 187 0.01 13.69 -9.21
N PRO A 188 0.91 12.70 -9.28
CA PRO A 188 1.50 12.35 -10.56
C PRO A 188 0.43 11.81 -11.47
N PRO A 189 0.64 11.90 -12.80
CA PRO A 189 -0.41 11.41 -13.71
C PRO A 189 -0.81 9.98 -13.50
N TRP A 190 0.12 9.09 -13.23
CA TRP A 190 -0.23 7.69 -13.06
C TRP A 190 -1.21 7.50 -11.88
N MET A 191 -1.10 8.35 -10.87
CA MET A 191 -1.98 8.27 -9.71
C MET A 191 -3.35 8.82 -10.04
N VAL A 192 -3.42 9.92 -10.79
CA VAL A 192 -4.69 10.43 -11.30
C VAL A 192 -5.38 9.35 -12.15
N GLU A 193 -4.65 8.75 -13.07
CA GLU A 193 -5.25 7.86 -14.06
C GLU A 193 -5.67 6.54 -13.46
N ALA A 194 -5.04 6.09 -12.39
CA ALA A 194 -5.33 4.78 -11.85
C ALA A 194 -6.74 4.70 -11.31
N CYS A 195 -7.31 5.85 -10.88
CA CYS A 195 -8.63 5.86 -10.22
C CYS A 195 -9.68 5.29 -11.16
N ALA A 196 -9.60 5.63 -12.45
CA ALA A 196 -10.61 5.26 -13.41
C ALA A 196 -10.59 3.76 -13.75
N ARG A 197 -9.58 3.05 -13.33
CA ARG A 197 -9.48 1.61 -13.49
C ARG A 197 -10.08 0.84 -12.34
N VAL A 198 -10.59 1.52 -11.32
CA VAL A 198 -11.17 0.85 -10.14
C VAL A 198 -12.68 0.95 -10.26
N ASP A 199 -13.38 -0.19 -10.15
CA ASP A 199 -14.83 -0.18 -10.19
C ASP A 199 -15.39 0.81 -9.18
N PRO A 200 -16.36 1.65 -9.56
CA PRO A 200 -16.91 2.60 -8.59
C PRO A 200 -17.43 1.91 -7.33
N GLY A 201 -18.05 0.73 -7.48
CA GLY A 201 -18.56 0.03 -6.32
C GLY A 201 -17.48 -0.40 -5.36
N GLU A 202 -16.28 -0.74 -5.87
CA GLU A 202 -15.16 -1.13 -5.04
C GLU A 202 -14.49 0.08 -4.42
N LEU A 203 -14.54 1.23 -5.07
CA LEU A 203 -14.07 2.45 -4.39
C LEU A 203 -14.92 2.75 -3.17
N GLY A 204 -16.24 2.60 -3.32
CA GLY A 204 -17.12 2.87 -2.19
C GLY A 204 -16.94 1.84 -1.08
N ALA A 205 -16.89 0.56 -1.44
CA ALA A 205 -16.73 -0.50 -0.45
C ALA A 205 -15.38 -0.39 0.26
N ALA A 206 -14.30 -0.12 -0.48
CA ALA A 206 -12.99 0.04 0.17
C ALA A 206 -12.98 1.22 1.12
N THR A 207 -13.66 2.32 0.76
CA THR A 207 -13.70 3.48 1.66
C THR A 207 -14.44 3.12 2.95
N ARG A 208 -15.60 2.47 2.84
CA ARG A 208 -16.31 2.02 4.03
C ARG A 208 -15.52 0.97 4.81
N GLY A 209 -14.75 0.13 4.11
CA GLY A 209 -13.93 -0.86 4.78
C GLY A 209 -12.98 -0.28 5.79
N LEU A 210 -12.59 1.00 5.62
CA LEU A 210 -11.69 1.64 6.57
C LEU A 210 -12.27 1.74 7.96
N LEU A 211 -13.61 1.62 8.08
CA LEU A 211 -14.24 1.68 9.39
C LEU A 211 -14.24 0.32 10.10
N HIS A 212 -13.56 -0.67 9.51
CA HIS A 212 -13.50 -2.02 10.08
C HIS A 212 -12.05 -2.39 10.38
N GLY A 213 -11.39 -1.62 11.24
CA GLY A 213 -10.11 -2.01 11.80
C GLY A 213 -8.93 -1.13 11.41
N SER A 214 -9.03 -0.29 10.39
CA SER A 214 -7.89 0.45 9.92
C SER A 214 -7.44 1.52 10.90
N ASP A 215 -8.18 1.79 11.97
CA ASP A 215 -7.82 2.90 12.85
C ASP A 215 -6.77 2.52 13.89
N ARG A 216 -6.49 1.23 14.07
CA ARG A 216 -5.61 0.82 15.16
C ARG A 216 -4.16 1.01 14.74
N ARG A 217 -3.30 1.22 15.74
CA ARG A 217 -1.86 1.25 15.48
C ARG A 217 -1.38 -0.14 15.07
N THR A 218 -0.22 -0.18 14.42
CA THR A 218 0.43 -1.45 14.10
C THR A 218 1.59 -1.68 15.07
N GLU A 219 1.91 -2.95 15.28
CA GLU A 219 2.97 -3.34 16.20
C GLU A 219 4.18 -3.88 15.45
N ARG A 220 5.31 -3.93 16.14
CA ARG A 220 6.50 -4.57 15.61
C ARG A 220 6.34 -6.08 15.69
N GLY A 221 6.64 -6.77 14.59
CA GLY A 221 6.50 -8.21 14.55
C GLY A 221 7.60 -9.02 15.20
N HIS A 222 8.85 -8.60 15.04
CA HIS A 222 9.93 -9.27 15.75
CA HIS A 222 10.01 -9.33 15.57
C HIS A 222 11.13 -8.32 15.80
N PRO A 223 12.04 -8.56 16.74
CA PRO A 223 13.09 -7.56 17.01
C PRO A 223 13.98 -7.25 15.81
N ASP A 224 14.27 -8.21 14.95
CA ASP A 224 15.19 -7.99 13.83
C ASP A 224 14.53 -7.30 12.63
N GLN A 225 13.23 -7.11 12.67
CA GLN A 225 12.56 -6.48 11.56
C GLN A 225 13.08 -5.07 11.32
N GLU A 226 13.22 -4.73 10.05
CA GLU A 226 13.55 -3.37 9.63
C GLU A 226 12.25 -2.69 9.19
N LEU A 227 11.87 -1.64 9.89
CA LEU A 227 10.65 -0.90 9.63
C LEU A 227 11.01 0.51 9.23
N VAL A 228 10.48 0.96 8.09
CA VAL A 228 10.80 2.24 7.50
C VAL A 228 9.48 2.95 7.15
N LEU A 229 9.39 4.21 7.55
CA LEU A 229 8.33 5.11 7.14
C LEU A 229 8.94 6.17 6.22
N ILE A 230 8.19 6.54 5.19
CA ILE A 230 8.65 7.54 4.21
C ILE A 230 7.58 8.61 4.09
N THR A 231 7.94 9.90 4.10
CA THR A 231 6.99 10.91 3.76
C THR A 231 7.65 12.17 3.26
N ALA A 232 6.82 13.16 2.95
CA ALA A 232 7.30 14.47 2.52
C ALA A 232 7.93 15.22 3.65
N ASP A 233 9.09 15.87 3.40
CA ASP A 233 9.63 16.72 4.43
C ASP A 233 8.70 17.87 4.80
N GLY A 234 7.82 18.27 3.89
CA GLY A 234 6.81 19.28 4.13
C GLY A 234 5.51 18.78 4.74
N ASP A 235 5.44 17.51 5.12
CA ASP A 235 4.21 16.90 5.65
C ASP A 235 3.66 17.75 6.79
N ALA A 236 2.38 18.15 6.67
CA ALA A 236 1.78 18.97 7.70
C ALA A 236 1.57 18.23 9.00
N ASP A 237 1.76 16.91 9.03
CA ASP A 237 1.57 16.13 10.24
C ASP A 237 2.65 15.06 10.36
N LEU A 238 3.89 15.51 10.62
CA LEU A 238 4.98 14.57 10.83
C LEU A 238 4.96 13.90 12.20
N ALA A 239 4.21 14.44 13.16
CA ALA A 239 4.22 13.91 14.52
C ALA A 239 4.03 12.40 14.57
N PRO A 240 3.00 11.80 13.95
CA PRO A 240 2.86 10.35 14.04
C PRO A 240 3.96 9.57 13.37
N PHE A 241 4.68 10.15 12.41
CA PHE A 241 5.85 9.49 11.88
C PHE A 241 6.97 9.43 12.93
N HIS A 242 7.21 10.52 13.63
CA HIS A 242 8.17 10.48 14.75
C HIS A 242 7.72 9.49 15.81
N ALA A 243 6.40 9.37 16.05
CA ALA A 243 5.94 8.43 17.07
C ALA A 243 6.28 6.99 16.66
N GLY A 244 6.26 6.69 15.36
CA GLY A 244 6.68 5.36 14.93
C GLY A 244 8.17 5.12 15.11
N GLU A 245 8.99 6.15 14.92
CA GLU A 245 10.40 6.02 15.27
C GLU A 245 10.57 5.56 16.70
N ARG A 246 9.89 6.23 17.64
CA ARG A 246 10.06 5.94 19.05
C ARG A 246 9.46 4.60 19.43
N ARG A 247 8.22 4.34 18.97
CA ARG A 247 7.45 3.22 19.46
C ARG A 247 7.85 1.92 18.79
N LEU A 248 8.16 1.97 17.49
CA LEU A 248 8.49 0.80 16.72
C LEU A 248 9.98 0.69 16.40
N GLY A 249 10.77 1.70 16.74
CA GLY A 249 12.14 1.74 16.24
C GLY A 249 12.21 1.83 14.73
N ALA A 250 11.23 2.48 14.11
CA ALA A 250 11.22 2.65 12.66
C ALA A 250 12.17 3.75 12.26
N HIS A 251 12.66 3.67 11.05
CA HIS A 251 13.51 4.70 10.44
C HIS A 251 12.64 5.58 9.59
N LEU A 252 12.87 6.89 9.67
CA LEU A 252 12.06 7.84 8.90
C LEU A 252 12.89 8.40 7.74
N TRP A 253 12.37 8.22 6.55
CA TRP A 253 12.96 8.78 5.33
C TRP A 253 12.08 9.95 4.87
N LEU A 254 12.72 11.04 4.43
CA LEU A 254 12.00 12.18 3.88
C LEU A 254 12.35 12.38 2.42
N VAL A 255 11.35 12.84 1.64
CA VAL A 255 11.58 13.26 0.26
C VAL A 255 11.18 14.72 0.14
N ASP A 256 11.71 15.39 -0.87
CA ASP A 256 11.42 16.80 -1.06
C ASP A 256 10.04 16.93 -1.67
N ALA A 257 9.08 17.38 -0.88
CA ALA A 257 7.73 17.61 -1.32
C ALA A 257 6.98 18.38 -0.26
N PRO A 258 6.05 19.26 -0.65
CA PRO A 258 5.29 20.01 0.37
C PRO A 258 4.13 19.24 0.97
N THR A 259 3.69 18.14 0.34
CA THR A 259 2.56 17.37 0.83
C THR A 259 2.80 15.89 0.57
N ARG A 260 2.01 15.05 1.27
CA ARG A 260 2.09 13.61 1.03
C ARG A 260 1.77 13.25 -0.40
N ILE A 261 0.73 13.85 -0.96
CA ILE A 261 0.31 13.50 -2.30
C ILE A 261 1.40 13.86 -3.28
N LYS A 262 2.02 15.04 -3.13
CA LYS A 262 3.09 15.42 -4.03
C LYS A 262 4.34 14.57 -3.83
N ALA A 263 4.52 14.00 -2.65
CA ALA A 263 5.64 13.10 -2.46
C ALA A 263 5.55 11.88 -3.37
N ALA A 264 4.35 11.53 -3.82
CA ALA A 264 4.22 10.43 -4.77
C ALA A 264 4.98 10.69 -6.04
N GLY A 265 5.32 11.94 -6.36
CA GLY A 265 6.16 12.23 -7.50
C GLY A 265 7.60 11.80 -7.31
N ARG A 266 7.98 11.37 -6.10
CA ARG A 266 9.34 10.97 -5.79
C ARG A 266 9.44 9.46 -5.60
N LEU A 267 8.45 8.70 -6.06
CA LEU A 267 8.42 7.27 -5.74
C LEU A 267 9.57 6.53 -6.41
N ALA A 268 9.94 6.89 -7.65
CA ALA A 268 11.07 6.24 -8.28
C ALA A 268 12.36 6.48 -7.49
N GLU A 269 12.56 7.72 -7.03
CA GLU A 269 13.73 8.03 -6.20
C GLU A 269 13.73 7.20 -4.94
N VAL A 270 12.55 6.99 -4.33
CA VAL A 270 12.47 6.15 -3.15
C VAL A 270 12.84 4.71 -3.49
N GLY A 271 12.41 4.23 -4.65
CA GLY A 271 12.80 2.89 -5.08
C GLY A 271 14.31 2.75 -5.19
N ARG A 272 15.00 3.79 -5.67
CA ARG A 272 16.46 3.70 -5.73
C ARG A 272 17.05 3.56 -4.35
N ARG A 273 16.49 4.27 -3.36
CA ARG A 273 16.97 4.16 -1.98
C ARG A 273 16.65 2.79 -1.41
N VAL A 274 15.48 2.24 -1.73
CA VAL A 274 15.18 0.88 -1.33
C VAL A 274 16.21 -0.09 -1.91
N ALA A 275 16.54 0.07 -3.21
CA ALA A 275 17.51 -0.81 -3.82
C ALA A 275 18.85 -0.74 -3.11
N GLY A 276 19.19 0.43 -2.58
CA GLY A 276 20.44 0.54 -1.81
C GLY A 276 20.41 -0.26 -0.53
N VAL A 277 19.25 -0.26 0.16
CA VAL A 277 19.08 -1.05 1.37
C VAL A 277 19.17 -2.54 1.04
N LEU A 278 18.53 -2.96 -0.06
CA LEU A 278 18.53 -4.36 -0.41
C LEU A 278 19.91 -4.83 -0.87
N ALA A 279 20.71 -3.92 -1.44
CA ALA A 279 22.07 -4.27 -1.86
C ALA A 279 22.96 -4.41 -0.63
#